data_6NLQ
#
_entry.id   6NLQ
#
_cell.length_a   55.190
_cell.length_b   66.950
_cell.length_c   56.480
_cell.angle_alpha   90.000
_cell.angle_beta   116.420
_cell.angle_gamma   90.000
#
_symmetry.space_group_name_H-M   'P 1 21 1'
#
loop_
_entity.id
_entity.type
_entity.pdbx_description
1 polymer 'Alanine--tRNA ligase, mitochondrial'
2 non-polymer 'CALCIUM ION'
3 water water
#
_entity_poly.entity_id   1
_entity_poly.type   'polypeptide(L)'
_entity_poly.pdbx_seq_one_letter_code
;ELLERHSKGPLIVDTVSAESLSVLVKVVRQLCEQAPSTSVLLLSPQPMGKVLCACQVAQGAMPTFTAEAWALAVCSHMGG
KAWGSRVVAQGTGSTTDLEAALSIAQTYALSQL
;
_entity_poly.pdbx_strand_id   A,B,C,D
#
loop_
_chem_comp.id
_chem_comp.type
_chem_comp.name
_chem_comp.formula
CA non-polymer 'CALCIUM ION' 'Ca 2'
#
# COMPACT_ATOMS: atom_id res chain seq x y z
N GLY A 9 13.81 26.54 4.03
CA GLY A 9 13.26 26.93 5.31
C GLY A 9 13.55 25.92 6.41
N PRO A 10 13.87 26.42 7.60
CA PRO A 10 14.19 25.53 8.72
C PRO A 10 13.00 24.64 9.07
N LEU A 11 13.32 23.62 9.86
CA LEU A 11 12.37 22.58 10.22
C LEU A 11 12.59 22.20 11.66
N ILE A 12 11.54 22.14 12.45
CA ILE A 12 11.61 21.61 13.80
C ILE A 12 10.68 20.42 13.85
N VAL A 13 11.21 19.24 14.19
CA VAL A 13 10.42 18.02 14.30
C VAL A 13 10.90 17.38 15.61
N ASP A 14 10.03 17.22 16.60
CA ASP A 14 10.52 16.74 17.90
C ASP A 14 9.37 16.13 18.69
N THR A 15 9.74 15.31 19.68
CA THR A 15 8.83 14.76 20.67
C THR A 15 9.00 15.56 21.96
N VAL A 16 7.91 16.05 22.53
CA VAL A 16 7.97 16.99 23.66
C VAL A 16 6.88 16.69 24.67
N SER A 17 7.10 17.12 25.90
N SER A 17 7.11 17.13 25.89
CA SER A 17 6.04 17.00 26.90
CA SER A 17 6.07 17.06 26.90
C SER A 17 5.11 18.20 26.83
C SER A 17 5.09 18.21 26.75
N ALA A 18 3.81 17.91 26.92
CA ALA A 18 2.78 18.95 26.92
C ALA A 18 1.57 18.40 27.65
N GLU A 19 0.87 19.28 28.35
CA GLU A 19 -0.26 18.79 29.12
C GLU A 19 -1.52 18.67 28.30
N SER A 20 -1.59 19.22 27.09
CA SER A 20 -2.81 19.17 26.31
C SER A 20 -2.46 19.43 24.85
N LEU A 21 -3.37 18.99 23.98
CA LEU A 21 -3.26 19.33 22.58
C LEU A 21 -3.36 20.83 22.34
N SER A 22 -4.20 21.53 23.10
N SER A 22 -4.25 21.53 23.07
CA SER A 22 -4.32 22.97 22.91
CA SER A 22 -4.30 22.98 22.91
C SER A 22 -3.01 23.68 23.18
C SER A 22 -2.93 23.61 23.13
N VAL A 23 -2.28 23.29 24.25
CA VAL A 23 -0.98 23.85 24.53
C VAL A 23 -0.02 23.50 23.41
N LEU A 24 -0.04 22.26 22.93
CA LEU A 24 0.88 21.86 21.86
C LEU A 24 0.70 22.71 20.62
N VAL A 25 -0.58 22.90 20.19
CA VAL A 25 -0.88 23.73 19.03
C VAL A 25 -0.37 25.14 19.24
N LYS A 26 -0.59 25.69 20.41
N LYS A 26 -0.57 25.70 20.42
CA LYS A 26 -0.16 27.06 20.72
CA LYS A 26 -0.15 27.06 20.71
C LYS A 26 1.35 27.20 20.72
C LYS A 26 1.37 27.19 20.70
N VAL A 27 2.08 26.19 21.23
CA VAL A 27 3.55 26.22 21.16
C VAL A 27 4.01 26.21 19.71
N VAL A 28 3.43 25.32 18.89
CA VAL A 28 3.75 25.29 17.46
C VAL A 28 3.54 26.66 16.81
N ARG A 29 2.39 27.27 17.07
N ARG A 29 2.40 27.29 17.12
CA ARG A 29 2.12 28.59 16.50
CA ARG A 29 2.10 28.60 16.51
C ARG A 29 3.20 29.58 16.89
C ARG A 29 3.12 29.66 16.90
N GLN A 30 3.52 29.64 18.18
CA GLN A 30 4.52 30.61 18.62
C GLN A 30 5.88 30.38 17.98
N LEU A 31 6.29 29.12 17.84
CA LEU A 31 7.57 28.86 17.17
C LEU A 31 7.55 29.33 15.73
N CYS A 32 6.43 29.08 15.02
CA CYS A 32 6.33 29.52 13.63
C CYS A 32 6.33 31.02 13.52
N GLU A 33 5.71 31.71 14.46
N GLU A 33 5.69 31.73 14.45
CA GLU A 33 5.67 33.16 14.41
CA GLU A 33 5.69 33.17 14.30
C GLU A 33 7.00 33.79 14.79
C GLU A 33 6.98 33.83 14.83
N GLN A 34 7.72 33.19 15.73
CA GLN A 34 9.00 33.73 16.16
C GLN A 34 10.05 33.57 15.08
N ALA A 35 9.93 32.55 14.25
N ALA A 35 9.92 32.53 14.26
CA ALA A 35 10.84 32.34 13.13
CA ALA A 35 10.92 32.20 13.25
C ALA A 35 10.00 31.91 11.93
C ALA A 35 10.21 32.05 11.92
N PRO A 36 9.53 32.89 11.15
N PRO A 36 9.76 33.14 11.29
CA PRO A 36 8.44 32.63 10.19
CA PRO A 36 9.08 33.01 9.98
C PRO A 36 8.85 31.79 8.99
C PRO A 36 9.94 32.24 9.00
N SER A 37 10.13 31.55 8.74
N SER A 37 9.30 31.36 8.24
CA SER A 37 10.43 30.62 7.64
CA SER A 37 9.86 30.39 7.29
C SER A 37 10.31 29.17 8.08
C SER A 37 10.21 29.04 7.93
N THR A 38 10.06 28.91 9.36
N THR A 38 9.99 28.85 9.23
CA THR A 38 10.16 27.57 9.91
CA THR A 38 10.20 27.55 9.84
C THR A 38 8.85 26.80 9.76
C THR A 38 8.89 26.78 9.85
N SER A 39 8.95 25.51 9.43
CA SER A 39 7.82 24.59 9.54
C SER A 39 8.06 23.69 10.75
N VAL A 40 7.00 23.36 11.48
CA VAL A 40 7.15 22.70 12.79
C VAL A 40 6.16 21.56 12.90
N LEU A 41 6.62 20.41 13.38
CA LEU A 41 5.71 19.34 13.80
C LEU A 41 6.22 18.86 15.17
N LEU A 42 5.34 18.88 16.14
CA LEU A 42 5.64 18.35 17.48
C LEU A 42 4.73 17.18 17.76
N LEU A 43 5.31 16.13 18.33
CA LEU A 43 4.59 14.99 18.84
C LEU A 43 4.69 14.99 20.36
N SER A 44 3.62 14.68 21.07
CA SER A 44 3.66 14.70 22.52
C SER A 44 3.11 13.41 23.06
N PRO A 45 3.95 12.55 23.63
CA PRO A 45 3.46 11.34 24.27
C PRO A 45 2.58 11.66 25.47
N GLN A 46 1.58 10.88 25.63
CA GLN A 46 0.59 11.01 26.68
C GLN A 46 0.42 9.64 27.35
N PRO A 47 -0.34 9.53 28.42
CA PRO A 47 -0.55 8.21 29.02
C PRO A 47 -1.18 7.18 28.08
N MET A 48 -0.96 5.91 28.41
CA MET A 48 -1.61 4.78 27.74
C MET A 48 -1.16 4.63 26.29
N GLY A 49 0.06 5.07 25.96
CA GLY A 49 0.58 4.92 24.63
C GLY A 49 0.11 5.95 23.62
N LYS A 50 -0.74 6.90 24.03
N LYS A 50 -0.73 6.89 24.04
CA LYS A 50 -1.26 7.88 23.08
CA LYS A 50 -1.29 7.89 23.13
C LYS A 50 -0.19 8.89 22.76
C LYS A 50 -0.22 8.91 22.78
N VAL A 51 -0.29 9.43 21.56
CA VAL A 51 0.62 10.49 21.12
C VAL A 51 -0.21 11.56 20.44
N LEU A 52 -0.01 12.81 20.81
CA LEU A 52 -0.65 13.94 20.17
C LEU A 52 0.26 14.50 19.11
N CYS A 53 -0.29 15.10 18.07
CA CYS A 53 0.47 15.73 17.01
C CYS A 53 -0.10 17.09 16.72
N ALA A 54 0.78 18.08 16.58
CA ALA A 54 0.38 19.38 16.05
C ALA A 54 1.45 19.86 15.11
N CYS A 55 1.05 20.44 13.97
CA CYS A 55 2.02 20.92 13.03
C CYS A 55 1.53 22.16 12.32
N GLN A 56 2.48 22.86 11.71
CA GLN A 56 2.19 24.08 10.99
C GLN A 56 3.25 24.26 9.93
N VAL A 57 2.81 24.61 8.72
CA VAL A 57 3.71 24.80 7.58
C VAL A 57 3.96 26.28 7.39
N ALA A 58 5.23 26.64 7.19
CA ALA A 58 5.60 28.03 6.98
C ALA A 58 4.87 28.61 5.78
N GLN A 59 4.38 29.82 5.98
N GLN A 59 4.58 29.93 5.79
CA GLN A 59 3.99 30.58 4.83
CA GLN A 59 3.84 30.53 4.65
C GLN A 59 5.21 30.64 3.92
C GLN A 59 4.63 30.54 3.35
N GLY A 60 4.97 30.51 2.64
N GLY A 60 5.95 30.58 3.44
CA GLY A 60 6.05 30.58 1.68
CA GLY A 60 6.81 30.56 2.30
C GLY A 60 6.72 29.26 1.35
C GLY A 60 6.99 29.19 1.70
N ALA A 61 6.34 28.19 2.05
N ALA A 61 6.45 28.12 2.28
CA ALA A 61 6.78 26.86 1.69
CA ALA A 61 6.79 26.78 1.82
C ALA A 61 6.22 26.49 0.33
C ALA A 61 6.20 26.46 0.43
N MET A 62 6.82 25.48 -0.25
CA MET A 62 6.30 24.92 -1.48
C MET A 62 4.82 24.58 -1.34
N PRO A 63 4.01 24.91 -2.35
CA PRO A 63 2.57 24.70 -2.21
C PRO A 63 2.16 23.27 -2.10
N THR A 64 3.02 22.33 -2.46
CA THR A 64 2.65 20.93 -2.30
C THR A 64 2.79 20.44 -0.87
N PHE A 65 3.34 21.27 0.01
CA PHE A 65 3.52 20.90 1.41
C PHE A 65 2.34 21.45 2.21
N THR A 66 1.45 20.57 2.69
CA THR A 66 0.32 21.01 3.49
C THR A 66 0.33 20.35 4.87
N ALA A 67 -0.16 21.11 5.83
CA ALA A 67 -0.11 20.65 7.21
C ALA A 67 -1.00 19.42 7.40
N GLU A 68 -2.19 19.40 6.80
N GLU A 68 -2.20 19.43 6.81
CA GLU A 68 -3.07 18.26 7.02
CA GLU A 68 -3.08 18.28 6.99
C GLU A 68 -2.50 16.97 6.44
C GLU A 68 -2.43 17.00 6.49
N ALA A 69 -1.80 17.06 5.30
CA ALA A 69 -1.15 15.89 4.74
C ALA A 69 0.02 15.44 5.60
N TRP A 70 0.77 16.39 6.15
CA TRP A 70 1.90 16.07 7.01
C TRP A 70 1.44 15.32 8.26
N ALA A 71 0.44 15.90 8.94
CA ALA A 71 -0.11 15.29 10.14
C ALA A 71 -0.71 13.93 9.83
N LEU A 72 -1.37 13.80 8.69
CA LEU A 72 -1.97 12.52 8.36
C LEU A 72 -0.91 11.46 8.13
N ALA A 73 0.19 11.83 7.47
CA ALA A 73 1.24 10.85 7.21
C ALA A 73 1.72 10.28 8.53
N VAL A 74 1.93 11.17 9.50
CA VAL A 74 2.47 10.72 10.76
C VAL A 74 1.43 9.97 11.60
N CYS A 75 0.23 10.54 11.70
CA CYS A 75 -0.78 9.94 12.57
C CYS A 75 -1.32 8.64 12.01
N SER A 76 -1.48 8.55 10.69
CA SER A 76 -1.90 7.31 10.09
C SER A 76 -0.89 6.21 10.37
N HIS A 77 0.41 6.57 10.39
CA HIS A 77 1.38 5.55 10.78
C HIS A 77 1.16 5.07 12.21
N MET A 78 0.66 5.95 13.08
CA MET A 78 0.35 5.65 14.47
C MET A 78 -1.06 5.13 14.64
N GLY A 79 -1.70 4.63 13.59
CA GLY A 79 -3.03 4.08 13.68
C GLY A 79 -4.10 5.08 14.05
N GLY A 80 -3.84 6.34 13.80
CA GLY A 80 -4.69 7.40 14.26
C GLY A 80 -5.29 8.20 13.14
N LYS A 81 -5.60 9.44 13.45
CA LYS A 81 -6.37 10.31 12.58
C LYS A 81 -5.76 11.70 12.69
N ALA A 82 -6.06 12.52 11.68
CA ALA A 82 -5.61 13.89 11.64
C ALA A 82 -6.67 14.75 10.99
N TRP A 83 -6.58 16.04 11.24
CA TRP A 83 -7.56 17.02 10.78
C TRP A 83 -6.89 18.39 10.71
N GLY A 84 -7.42 19.24 9.87
CA GLY A 84 -6.86 20.56 9.78
C GLY A 84 -6.96 21.12 8.37
N SER A 85 -6.07 22.05 8.11
CA SER A 85 -6.05 22.87 6.91
C SER A 85 -4.71 22.71 6.23
N ARG A 86 -4.50 23.51 5.18
N ARG A 86 -4.49 23.50 5.17
CA ARG A 86 -3.19 23.46 4.55
CA ARG A 86 -3.18 23.47 4.54
C ARG A 86 -2.10 24.09 5.42
C ARG A 86 -2.10 24.10 5.41
N VAL A 87 -2.48 24.99 6.32
CA VAL A 87 -1.50 25.74 7.14
C VAL A 87 -1.24 25.10 8.50
N VAL A 88 -2.28 24.64 9.20
N VAL A 88 -2.27 24.57 9.15
CA VAL A 88 -2.15 24.04 10.52
CA VAL A 88 -2.19 24.10 10.53
C VAL A 88 -2.96 22.78 10.57
C VAL A 88 -3.00 22.82 10.63
N ALA A 89 -2.47 21.81 11.34
CA ALA A 89 -3.20 20.56 11.51
C ALA A 89 -2.82 19.89 12.81
N GLN A 90 -3.64 18.95 13.24
N GLN A 90 -3.67 18.95 13.23
CA GLN A 90 -3.36 18.20 14.45
CA GLN A 90 -3.47 18.18 14.44
C GLN A 90 -3.88 16.79 14.26
C GLN A 90 -3.85 16.75 14.20
N GLY A 91 -3.48 15.89 15.16
CA GLY A 91 -3.96 14.53 15.07
C GLY A 91 -3.57 13.78 16.32
N THR A 92 -3.99 12.53 16.37
CA THR A 92 -3.56 11.69 17.47
C THR A 92 -3.32 10.29 16.93
N GLY A 93 -2.62 9.49 17.73
CA GLY A 93 -2.43 8.08 17.45
C GLY A 93 -1.89 7.42 18.69
N SER A 94 -1.42 6.19 18.53
CA SER A 94 -0.81 5.50 19.65
C SER A 94 0.38 4.75 19.09
N THR A 95 1.50 4.80 19.80
CA THR A 95 2.63 4.03 19.29
C THR A 95 3.65 3.81 20.38
N THR A 96 4.40 2.73 20.22
CA THR A 96 5.55 2.47 21.08
C THR A 96 6.84 2.90 20.41
N ASP A 97 6.80 3.39 19.16
CA ASP A 97 8.00 3.65 18.36
C ASP A 97 8.08 5.12 17.98
N LEU A 98 8.58 5.93 18.93
CA LEU A 98 8.72 7.36 18.66
C LEU A 98 9.76 7.62 17.58
N GLU A 99 10.79 6.79 17.48
CA GLU A 99 11.80 7.02 16.46
C GLU A 99 11.17 6.92 15.07
N ALA A 100 10.33 5.91 14.84
CA ALA A 100 9.65 5.78 13.55
C ALA A 100 8.74 6.97 13.27
N ALA A 101 7.99 7.42 14.27
CA ALA A 101 7.06 8.54 14.04
C ALA A 101 7.82 9.81 13.66
N LEU A 102 8.93 10.07 14.37
CA LEU A 102 9.77 11.21 14.04
C LEU A 102 10.39 11.07 12.67
N SER A 103 10.82 9.88 12.32
CA SER A 103 11.42 9.68 11.00
C SER A 103 10.42 9.94 9.89
N ILE A 104 9.19 9.44 10.06
CA ILE A 104 8.17 9.74 9.04
C ILE A 104 7.94 11.23 8.94
N ALA A 105 7.84 11.89 10.06
CA ALA A 105 7.57 13.33 10.04
C ALA A 105 8.68 14.10 9.34
N GLN A 106 9.95 13.78 9.65
N GLN A 106 9.95 13.77 9.66
CA GLN A 106 11.05 14.54 9.07
CA GLN A 106 11.07 14.49 9.09
C GLN A 106 11.22 14.19 7.60
C GLN A 106 11.21 14.18 7.61
N THR A 107 11.14 12.90 7.26
CA THR A 107 11.31 12.55 5.86
C THR A 107 10.17 13.11 5.00
N TYR A 108 8.94 13.12 5.53
CA TYR A 108 7.84 13.69 4.75
C TYR A 108 8.11 15.17 4.48
N ALA A 109 8.47 15.90 5.52
CA ALA A 109 8.71 17.33 5.35
C ALA A 109 9.83 17.57 4.34
N LEU A 110 10.96 16.86 4.48
CA LEU A 110 12.06 17.09 3.55
C LEU A 110 11.66 16.77 2.11
N SER A 111 10.75 15.82 1.91
CA SER A 111 10.33 15.45 0.56
C SER A 111 9.41 16.50 -0.05
N GLN A 112 8.74 17.30 0.77
CA GLN A 112 7.76 18.27 0.26
C GLN A 112 8.26 19.70 0.25
N LEU A 113 9.36 19.99 0.95
CA LEU A 113 9.87 21.35 0.99
C LEU A 113 10.65 21.74 -0.27
N LYS B 8 -0.57 -0.49 -24.39
CA LYS B 8 -1.61 0.41 -23.94
C LYS B 8 -1.12 1.35 -22.84
N GLY B 9 0.13 1.17 -22.44
CA GLY B 9 0.70 2.00 -21.40
C GLY B 9 0.33 1.55 -20.00
N PRO B 10 0.88 2.22 -19.01
CA PRO B 10 0.57 1.87 -17.63
C PRO B 10 -0.85 2.32 -17.22
N LEU B 11 -1.67 3.16 -17.86
N LEU B 11 -1.67 3.16 -17.86
CA LEU B 11 -2.68 3.90 -17.17
CA LEU B 11 -2.67 3.91 -17.16
C LEU B 11 -3.84 4.27 -18.10
C LEU B 11 -3.83 4.26 -18.10
N ILE B 12 -5.04 3.86 -17.75
CA ILE B 12 -6.24 4.35 -18.38
C ILE B 12 -7.08 5.08 -17.35
N VAL B 13 -7.42 6.33 -17.64
CA VAL B 13 -8.35 7.11 -16.81
C VAL B 13 -9.42 7.61 -17.77
N ASP B 14 -10.66 7.23 -17.58
CA ASP B 14 -11.65 7.48 -18.63
C ASP B 14 -13.04 7.55 -18.01
N THR B 15 -13.99 7.97 -18.86
N THR B 15 -13.99 8.01 -18.82
CA THR B 15 -15.40 8.12 -18.50
CA THR B 15 -15.38 8.07 -18.42
C THR B 15 -16.23 7.12 -19.30
C THR B 15 -16.18 7.06 -19.22
N VAL B 16 -17.16 6.42 -18.62
N VAL B 16 -17.34 6.73 -18.69
CA VAL B 16 -18.14 5.57 -19.29
CA VAL B 16 -18.09 5.53 -19.08
C VAL B 16 -19.51 5.95 -18.79
C VAL B 16 -19.49 5.80 -18.55
N SER B 17 -20.51 5.09 -19.05
CA SER B 17 -21.90 5.43 -18.72
C SER B 17 -22.57 4.40 -17.83
N ALA B 18 -21.83 3.48 -17.25
CA ALA B 18 -22.41 2.44 -16.42
C ALA B 18 -23.30 3.03 -15.34
N GLU B 19 -24.41 2.37 -15.08
CA GLU B 19 -25.42 2.88 -14.14
C GLU B 19 -25.34 2.21 -12.78
N SER B 20 -24.36 1.33 -12.55
CA SER B 20 -24.22 0.67 -11.26
C SER B 20 -22.75 0.35 -11.07
N LEU B 21 -22.35 0.22 -9.80
CA LEU B 21 -21.00 -0.19 -9.50
C LEU B 21 -20.76 -1.62 -9.94
N SER B 22 -21.77 -2.49 -9.85
N SER B 22 -21.73 -2.50 -9.84
CA SER B 22 -21.55 -3.88 -10.27
CA SER B 22 -21.42 -3.86 -10.29
C SER B 22 -21.09 -3.95 -11.73
C SER B 22 -20.95 -3.84 -11.74
N VAL B 23 -21.72 -3.16 -12.61
CA VAL B 23 -21.30 -3.09 -14.00
C VAL B 23 -19.93 -2.42 -14.11
N LEU B 24 -19.76 -1.27 -13.46
CA LEU B 24 -18.53 -0.50 -13.60
C LEU B 24 -17.29 -1.28 -13.18
N VAL B 25 -17.36 -1.98 -12.05
N VAL B 25 -17.38 -1.99 -12.05
CA VAL B 25 -16.18 -2.73 -11.62
CA VAL B 25 -16.24 -2.76 -11.56
C VAL B 25 -15.84 -3.86 -12.57
C VAL B 25 -15.85 -3.86 -12.54
N LYS B 26 -16.86 -4.47 -13.22
CA LYS B 26 -16.59 -5.53 -14.16
C LYS B 26 -16.00 -5.01 -15.48
N VAL B 27 -16.34 -3.77 -15.86
CA VAL B 27 -15.72 -3.16 -17.03
C VAL B 27 -14.23 -2.93 -16.73
N VAL B 28 -13.94 -2.33 -15.58
CA VAL B 28 -12.54 -2.16 -15.15
C VAL B 28 -11.81 -3.49 -15.16
N ARG B 29 -12.43 -4.52 -14.58
CA ARG B 29 -11.84 -5.84 -14.52
C ARG B 29 -11.43 -6.32 -15.90
N GLN B 30 -12.33 -6.18 -16.89
CA GLN B 30 -12.03 -6.67 -18.23
C GLN B 30 -10.92 -5.87 -18.88
N LEU B 31 -10.92 -4.55 -18.69
CA LEU B 31 -9.86 -3.74 -19.26
C LEU B 31 -8.50 -4.15 -18.70
N CYS B 32 -8.43 -4.43 -17.38
CA CYS B 32 -7.19 -4.87 -16.79
C CYS B 32 -6.77 -6.24 -17.28
N GLU B 33 -7.71 -7.14 -17.54
CA GLU B 33 -7.34 -8.44 -18.05
C GLU B 33 -6.81 -8.33 -19.48
N GLN B 34 -7.42 -7.48 -20.30
N GLN B 34 -7.44 -7.47 -20.27
CA GLN B 34 -6.97 -7.34 -21.68
CA GLN B 34 -7.05 -7.24 -21.66
C GLN B 34 -5.66 -6.60 -21.77
C GLN B 34 -5.65 -6.67 -21.73
N ALA B 35 -5.30 -5.83 -20.76
CA ALA B 35 -4.07 -5.01 -20.74
C ALA B 35 -3.39 -5.23 -19.38
N PRO B 36 -2.67 -6.34 -19.23
CA PRO B 36 -2.27 -6.81 -17.89
C PRO B 36 -1.20 -5.95 -17.21
N SER B 37 -0.59 -4.99 -17.89
CA SER B 37 0.31 -4.05 -17.22
C SER B 37 -0.35 -2.72 -16.97
N THR B 38 -1.64 -2.64 -17.18
CA THR B 38 -2.31 -1.36 -17.14
C THR B 38 -3.17 -1.25 -15.89
N SER B 39 -3.13 -0.12 -15.24
CA SER B 39 -4.01 0.24 -14.14
C SER B 39 -5.10 1.13 -14.70
N VAL B 40 -6.33 0.98 -14.19
CA VAL B 40 -7.52 1.58 -14.83
C VAL B 40 -8.39 2.21 -13.75
N LEU B 41 -8.84 3.46 -14.01
CA LEU B 41 -9.89 4.09 -13.20
C LEU B 41 -10.93 4.63 -14.15
N LEU B 42 -12.19 4.30 -13.89
CA LEU B 42 -13.31 4.81 -14.67
C LEU B 42 -14.27 5.57 -13.77
N LEU B 43 -14.77 6.68 -14.32
CA LEU B 43 -15.85 7.44 -13.71
C LEU B 43 -17.08 7.31 -14.58
N SER B 44 -18.24 7.36 -13.96
CA SER B 44 -19.49 7.35 -14.72
C SER B 44 -20.45 8.34 -14.10
N PRO B 45 -20.84 9.38 -14.84
CA PRO B 45 -21.79 10.35 -14.30
C PRO B 45 -23.22 9.79 -14.30
N GLN B 46 -23.93 10.09 -13.24
CA GLN B 46 -25.30 9.62 -13.03
C GLN B 46 -26.21 10.85 -12.96
N PRO B 47 -27.55 10.65 -12.92
CA PRO B 47 -28.45 11.78 -12.69
C PRO B 47 -28.20 12.44 -11.34
N MET B 48 -28.64 13.68 -11.24
CA MET B 48 -28.56 14.47 -10.02
C MET B 48 -27.12 14.76 -9.62
N GLY B 49 -26.20 14.77 -10.59
CA GLY B 49 -24.82 15.14 -10.34
C GLY B 49 -23.98 14.08 -9.66
N LYS B 50 -24.51 12.89 -9.50
CA LYS B 50 -23.77 11.83 -8.82
C LYS B 50 -22.80 11.17 -9.79
N VAL B 51 -21.72 10.62 -9.23
CA VAL B 51 -20.69 10.00 -10.04
C VAL B 51 -20.30 8.70 -9.37
N LEU B 52 -20.16 7.65 -10.15
CA LEU B 52 -19.64 6.39 -9.69
C LEU B 52 -18.19 6.25 -10.12
N CYS B 53 -17.39 5.57 -9.32
CA CYS B 53 -15.98 5.36 -9.59
C CYS B 53 -15.60 3.91 -9.33
N ALA B 54 -14.79 3.33 -10.21
CA ALA B 54 -14.16 2.03 -9.88
C ALA B 54 -12.75 2.05 -10.45
N CYS B 55 -11.84 1.33 -9.79
CA CYS B 55 -10.47 1.31 -10.26
C CYS B 55 -9.82 -0.01 -9.87
N GLN B 56 -8.72 -0.31 -10.57
CA GLN B 56 -7.96 -1.52 -10.33
C GLN B 56 -6.53 -1.21 -10.72
N VAL B 57 -5.58 -1.66 -9.85
CA VAL B 57 -4.15 -1.47 -10.06
C VAL B 57 -3.56 -2.75 -10.63
N ALA B 58 -2.72 -2.58 -11.63
CA ALA B 58 -2.12 -3.68 -12.34
C ALA B 58 -1.30 -4.65 -11.41
N GLN B 59 -1.19 -5.91 -11.61
N GLN B 59 -1.15 -5.94 -11.65
CA GLN B 59 -0.49 -6.84 -10.74
CA GLN B 59 -0.49 -6.88 -10.76
C GLN B 59 0.97 -6.46 -10.51
C GLN B 59 0.97 -6.45 -10.50
N GLY B 60 1.63 -5.97 -11.52
CA GLY B 60 3.03 -5.62 -11.35
C GLY B 60 3.29 -4.20 -10.90
N ALA B 61 2.24 -3.45 -10.58
CA ALA B 61 2.48 -2.06 -10.25
C ALA B 61 3.21 -1.88 -8.93
N MET B 62 3.93 -0.79 -8.83
CA MET B 62 4.68 -0.50 -7.63
C MET B 62 3.75 -0.45 -6.43
N PRO B 63 4.15 -1.05 -5.29
CA PRO B 63 3.25 -1.09 -4.13
C PRO B 63 2.99 0.25 -3.50
N THR B 64 3.66 1.31 -3.93
CA THR B 64 3.26 2.63 -3.50
C THR B 64 1.92 3.06 -4.10
N PHE B 65 1.46 2.37 -5.11
CA PHE B 65 0.22 2.68 -5.79
C PHE B 65 -0.83 1.64 -5.42
N THR B 66 -1.88 2.05 -4.71
CA THR B 66 -2.95 1.10 -4.34
C THR B 66 -4.32 1.61 -4.73
N ALA B 67 -5.21 0.66 -5.03
CA ALA B 67 -6.51 1.02 -5.59
C ALA B 67 -7.33 1.85 -4.61
N GLU B 68 -7.42 1.44 -3.36
CA GLU B 68 -8.26 2.19 -2.44
C GLU B 68 -7.75 3.61 -2.28
N ALA B 69 -6.43 3.80 -2.21
CA ALA B 69 -5.89 5.15 -2.08
C ALA B 69 -6.22 5.98 -3.32
N TRP B 70 -6.18 5.37 -4.51
CA TRP B 70 -6.51 6.07 -5.74
C TRP B 70 -7.97 6.50 -5.74
N ALA B 71 -8.87 5.54 -5.44
CA ALA B 71 -10.30 5.87 -5.39
C ALA B 71 -10.60 6.90 -4.32
N LEU B 72 -9.95 6.82 -3.17
CA LEU B 72 -10.21 7.83 -2.15
C LEU B 72 -9.76 9.20 -2.60
N ALA B 73 -8.61 9.31 -3.25
CA ALA B 73 -8.17 10.62 -3.71
C ALA B 73 -9.22 11.24 -4.63
N VAL B 74 -9.73 10.42 -5.56
CA VAL B 74 -10.66 10.94 -6.54
C VAL B 74 -12.03 11.21 -5.92
N CYS B 75 -12.55 10.26 -5.16
CA CYS B 75 -13.88 10.41 -4.60
C CYS B 75 -13.92 11.47 -3.53
N SER B 76 -12.87 11.61 -2.72
N SER B 76 -12.86 11.61 -2.73
N SER B 76 -12.86 11.61 -2.73
CA SER B 76 -12.85 12.70 -1.75
CA SER B 76 -12.79 12.69 -1.76
CA SER B 76 -12.80 12.70 -1.76
C SER B 76 -12.80 14.05 -2.44
C SER B 76 -12.80 14.04 -2.45
C SER B 76 -12.81 14.05 -2.45
N HIS B 77 -12.11 14.17 -3.59
CA HIS B 77 -12.19 15.39 -4.37
C HIS B 77 -13.63 15.73 -4.76
N MET B 78 -14.44 14.71 -5.02
CA MET B 78 -15.87 14.85 -5.34
C MET B 78 -16.75 14.82 -4.09
N GLY B 79 -16.20 15.06 -2.91
CA GLY B 79 -17.05 15.13 -1.73
C GLY B 79 -17.72 13.81 -1.39
N GLY B 80 -17.11 12.69 -1.78
CA GLY B 80 -17.77 11.40 -1.66
C GLY B 80 -17.01 10.43 -0.76
N LYS B 81 -17.10 9.16 -1.10
CA LYS B 81 -16.57 8.11 -0.23
C LYS B 81 -16.04 6.99 -1.12
N ALA B 82 -15.19 6.15 -0.55
CA ALA B 82 -14.59 5.06 -1.28
C ALA B 82 -14.29 3.90 -0.34
N TRP B 83 -14.19 2.71 -0.93
CA TRP B 83 -13.85 1.51 -0.16
C TRP B 83 -13.23 0.50 -1.12
N GLY B 84 -12.50 -0.47 -0.56
CA GLY B 84 -11.90 -1.52 -1.36
C GLY B 84 -10.56 -1.93 -0.78
N SER B 85 -9.73 -2.47 -1.65
CA SER B 85 -8.50 -3.14 -1.27
C SER B 85 -7.34 -2.43 -1.96
N ARG B 86 -6.15 -3.01 -1.84
CA ARG B 86 -5.02 -2.48 -2.61
C ARG B 86 -5.12 -2.76 -4.09
N VAL B 87 -5.93 -3.74 -4.48
N VAL B 87 -6.00 -3.64 -4.53
CA VAL B 87 -6.08 -4.21 -5.86
CA VAL B 87 -6.00 -4.06 -5.91
C VAL B 87 -7.25 -3.52 -6.57
C VAL B 87 -7.27 -3.63 -6.65
N VAL B 88 -8.43 -3.54 -5.96
CA VAL B 88 -9.67 -3.06 -6.58
C VAL B 88 -10.37 -2.16 -5.60
N ALA B 89 -10.92 -1.04 -6.07
CA ALA B 89 -11.69 -0.19 -5.18
C ALA B 89 -12.78 0.51 -5.96
N GLN B 90 -13.71 1.10 -5.22
N GLN B 90 -13.69 1.11 -5.22
CA GLN B 90 -14.86 1.77 -5.81
CA GLN B 90 -14.84 1.78 -5.81
C GLN B 90 -15.28 2.91 -4.92
C GLN B 90 -15.30 2.90 -4.91
N GLY B 91 -16.15 3.76 -5.45
CA GLY B 91 -16.65 4.83 -4.62
C GLY B 91 -17.64 5.66 -5.37
N THR B 92 -18.08 6.73 -4.70
CA THR B 92 -19.08 7.62 -5.26
C THR B 92 -18.74 9.06 -4.90
N GLY B 93 -19.34 10.00 -5.62
CA GLY B 93 -19.18 11.38 -5.25
C GLY B 93 -20.17 12.18 -6.03
N SER B 94 -20.04 13.50 -5.91
CA SER B 94 -20.98 14.37 -6.58
C SER B 94 -20.22 15.54 -7.17
N THR B 95 -20.43 15.80 -8.45
CA THR B 95 -19.77 16.96 -9.03
C THR B 95 -20.43 17.36 -10.33
N THR B 96 -20.30 18.64 -10.65
CA THR B 96 -20.64 19.21 -11.94
C THR B 96 -19.41 19.41 -12.83
N ASP B 97 -18.21 19.04 -12.35
CA ASP B 97 -16.95 19.23 -13.08
C ASP B 97 -16.23 17.89 -13.19
N LEU B 98 -16.63 17.04 -14.14
CA LEU B 98 -16.00 15.73 -14.24
C LEU B 98 -14.52 15.87 -14.63
N GLU B 99 -14.19 16.86 -15.47
N GLU B 99 -14.19 16.86 -15.46
CA GLU B 99 -12.82 17.05 -15.93
CA GLU B 99 -12.81 17.01 -15.92
C GLU B 99 -11.84 17.17 -14.76
C GLU B 99 -11.83 17.18 -14.76
N ALA B 100 -12.23 17.91 -13.71
CA ALA B 100 -11.32 18.10 -12.59
C ALA B 100 -11.06 16.79 -11.87
N ALA B 101 -12.11 15.97 -11.74
CA ALA B 101 -11.94 14.67 -11.08
C ALA B 101 -11.06 13.74 -11.89
N LEU B 102 -11.25 13.72 -13.21
CA LEU B 102 -10.40 12.91 -14.08
C LEU B 102 -8.96 13.36 -13.99
N SER B 103 -8.73 14.68 -13.88
CA SER B 103 -7.36 15.16 -13.78
C SER B 103 -6.71 14.68 -12.49
N ILE B 104 -7.44 14.76 -11.38
CA ILE B 104 -6.93 14.26 -10.11
C ILE B 104 -6.59 12.79 -10.22
N ALA B 105 -7.46 12.02 -10.87
CA ALA B 105 -7.17 10.60 -11.00
C ALA B 105 -5.85 10.37 -11.73
N GLN B 106 -5.63 11.09 -12.81
CA GLN B 106 -4.44 10.90 -13.60
C GLN B 106 -3.19 11.34 -12.83
N THR B 107 -3.21 12.55 -12.23
N THR B 107 -3.25 12.53 -12.23
CA THR B 107 -2.00 13.02 -11.55
CA THR B 107 -2.08 13.05 -11.53
C THR B 107 -1.71 12.19 -10.31
C THR B 107 -1.73 12.19 -10.34
N TYR B 108 -2.74 11.75 -9.59
CA TYR B 108 -2.49 10.88 -8.45
C TYR B 108 -1.77 9.61 -8.88
N ALA B 109 -2.31 8.94 -9.91
CA ALA B 109 -1.69 7.71 -10.35
C ALA B 109 -0.25 7.95 -10.79
N LEU B 110 -0.02 8.98 -11.60
CA LEU B 110 1.35 9.22 -12.05
C LEU B 110 2.30 9.48 -10.88
N SER B 111 1.80 10.13 -9.82
CA SER B 111 2.66 10.43 -8.67
C SER B 111 3.01 9.19 -7.87
N GLN B 112 2.27 8.10 -8.03
CA GLN B 112 2.54 6.87 -7.29
C GLN B 112 3.22 5.81 -8.13
N LEU B 113 3.34 6.04 -9.45
CA LEU B 113 4.04 5.14 -10.38
C LEU B 113 5.54 5.43 -10.50
N GLY C 9 2.24 -16.58 6.48
CA GLY C 9 2.73 -17.35 5.35
C GLY C 9 2.31 -16.78 4.02
N PRO C 10 2.97 -17.18 2.94
CA PRO C 10 2.64 -16.63 1.64
C PRO C 10 1.41 -17.25 1.03
N LEU C 11 0.79 -18.24 1.70
CA LEU C 11 -0.22 -19.04 1.04
C LEU C 11 -1.29 -19.47 2.03
N ILE C 12 -2.55 -19.35 1.66
CA ILE C 12 -3.66 -20.00 2.35
C ILE C 12 -4.36 -20.90 1.35
N VAL C 13 -4.43 -22.20 1.63
CA VAL C 13 -5.18 -23.16 0.85
C VAL C 13 -6.06 -23.89 1.86
N ASP C 14 -7.39 -23.77 1.75
CA ASP C 14 -8.25 -24.30 2.81
C ASP C 14 -9.62 -24.58 2.23
N THR C 15 -10.41 -25.23 3.05
CA THR C 15 -11.82 -25.44 2.76
C THR C 15 -12.64 -24.45 3.59
N VAL C 16 -13.80 -24.13 3.08
CA VAL C 16 -14.82 -23.42 3.85
C VAL C 16 -16.14 -24.07 3.49
N SER C 17 -17.25 -23.51 3.96
CA SER C 17 -18.53 -24.11 3.68
C SER C 17 -19.47 -23.18 2.94
N ALA C 18 -18.94 -22.21 2.22
CA ALA C 18 -19.79 -21.30 1.45
C ALA C 18 -20.65 -22.03 0.43
N GLU C 19 -21.88 -21.60 0.31
CA GLU C 19 -22.83 -22.22 -0.61
C GLU C 19 -22.97 -21.60 -2.01
N SER C 20 -22.24 -20.53 -2.27
CA SER C 20 -22.31 -19.85 -3.56
C SER C 20 -20.98 -19.22 -3.85
N LEU C 21 -20.68 -18.99 -5.11
CA LEU C 21 -19.48 -18.25 -5.45
C LEU C 21 -19.57 -16.82 -4.98
N SER C 22 -20.75 -16.21 -4.91
CA SER C 22 -20.80 -14.84 -4.44
C SER C 22 -20.17 -14.74 -3.06
N VAL C 23 -20.52 -15.69 -2.16
CA VAL C 23 -19.93 -15.67 -0.82
C VAL C 23 -18.47 -16.05 -0.91
N LEU C 24 -18.15 -17.14 -1.60
CA LEU C 24 -16.79 -17.67 -1.58
C LEU C 24 -15.76 -16.64 -2.07
N VAL C 25 -16.05 -15.94 -3.18
N VAL C 25 -16.12 -15.94 -3.15
CA VAL C 25 -15.09 -14.99 -3.70
CA VAL C 25 -15.24 -14.97 -3.78
C VAL C 25 -14.89 -13.82 -2.75
C VAL C 25 -14.95 -13.82 -2.82
N LYS C 26 -15.95 -13.44 -2.02
CA LYS C 26 -15.79 -12.33 -1.08
C LYS C 26 -14.97 -12.74 0.12
N VAL C 27 -15.03 -14.01 0.52
CA VAL C 27 -14.15 -14.49 1.58
C VAL C 27 -12.70 -14.43 1.12
N VAL C 28 -12.41 -14.95 -0.08
CA VAL C 28 -11.07 -14.87 -0.63
C VAL C 28 -10.57 -13.44 -0.68
N ARG C 29 -11.42 -12.54 -1.20
N ARG C 29 -11.41 -12.55 -1.21
CA ARG C 29 -11.06 -11.13 -1.31
CA ARG C 29 -11.07 -11.14 -1.31
C ARG C 29 -10.62 -10.57 0.04
C ARG C 29 -10.61 -10.60 0.04
N GLN C 30 -11.36 -10.91 1.10
CA GLN C 30 -11.04 -10.36 2.39
C GLN C 30 -9.74 -10.94 2.94
N LEU C 31 -9.51 -12.24 2.74
CA LEU C 31 -8.26 -12.84 3.20
C LEU C 31 -7.06 -12.21 2.54
N CYS C 32 -7.17 -11.94 1.24
CA CYS C 32 -6.06 -11.30 0.54
C CYS C 32 -5.83 -9.88 1.03
N GLU C 33 -6.91 -9.13 1.33
CA GLU C 33 -6.73 -7.78 1.85
C GLU C 33 -6.08 -7.81 3.23
N GLN C 34 -6.51 -8.74 4.09
CA GLN C 34 -5.97 -8.85 5.44
C GLN C 34 -4.47 -9.13 5.43
N ALA C 35 -4.00 -9.88 4.46
N ALA C 35 -4.00 -9.86 4.44
CA ALA C 35 -2.62 -10.36 4.43
CA ALA C 35 -2.62 -10.36 4.38
C ALA C 35 -2.03 -10.04 3.05
C ALA C 35 -2.15 -10.12 2.94
N PRO C 36 -1.54 -8.81 2.85
N PRO C 36 -1.65 -8.92 2.65
CA PRO C 36 -0.77 -8.53 1.63
CA PRO C 36 -1.50 -8.48 1.26
C PRO C 36 0.43 -9.47 1.57
C PRO C 36 -0.35 -9.12 0.49
N SER C 37 0.77 -9.88 0.36
N SER C 37 0.50 -9.93 1.11
CA SER C 37 1.75 -10.90 0.03
CA SER C 37 1.46 -10.69 0.34
C SER C 37 1.21 -12.31 0.16
C SER C 37 1.01 -12.13 0.15
N THR C 38 -0.05 -12.52 0.53
N THR C 38 -0.18 -12.48 0.63
CA THR C 38 -0.60 -13.87 0.63
CA THR C 38 -0.61 -13.87 0.64
C THR C 38 -1.50 -14.18 -0.54
C THR C 38 -1.51 -14.18 -0.55
N SER C 39 -1.29 -15.34 -1.17
CA SER C 39 -2.18 -15.85 -2.20
C SER C 39 -3.11 -16.87 -1.57
N VAL C 40 -4.36 -16.91 -2.03
CA VAL C 40 -5.41 -17.67 -1.34
C VAL C 40 -6.22 -18.48 -2.33
N LEU C 41 -6.46 -19.75 -2.00
CA LEU C 41 -7.41 -20.58 -2.75
C LEU C 41 -8.26 -21.30 -1.73
N LEU C 42 -9.58 -21.20 -1.91
CA LEU C 42 -10.53 -21.90 -1.09
C LEU C 42 -11.41 -22.83 -1.92
N LEU C 43 -11.68 -24.00 -1.35
CA LEU C 43 -12.65 -24.94 -1.90
C LEU C 43 -13.83 -25.07 -0.94
N SER C 44 -15.02 -25.25 -1.48
N SER C 44 -15.01 -25.24 -1.51
CA SER C 44 -16.19 -25.45 -0.67
CA SER C 44 -16.25 -25.40 -0.74
C SER C 44 -17.02 -26.61 -1.22
C SER C 44 -17.02 -26.61 -1.24
N PRO C 45 -17.16 -27.68 -0.48
CA PRO C 45 -17.93 -28.82 -0.98
C PRO C 45 -19.42 -28.53 -0.93
N GLN C 46 -20.14 -29.01 -1.95
CA GLN C 46 -21.57 -28.83 -2.09
C GLN C 46 -22.19 -30.22 -2.09
N PRO C 47 -23.52 -30.30 -2.05
CA PRO C 47 -24.14 -31.63 -2.11
C PRO C 47 -23.77 -32.37 -3.38
N MET C 48 -23.83 -33.70 -3.29
CA MET C 48 -23.67 -34.57 -4.43
C MET C 48 -22.29 -34.51 -5.05
N GLY C 49 -21.28 -34.25 -4.25
CA GLY C 49 -19.92 -34.28 -4.70
C GLY C 49 -19.45 -33.07 -5.46
N LYS C 50 -20.28 -32.03 -5.60
CA LYS C 50 -19.82 -30.86 -6.33
C LYS C 50 -18.96 -30.00 -5.42
N VAL C 51 -18.10 -29.21 -6.02
CA VAL C 51 -17.15 -28.37 -5.29
C VAL C 51 -17.06 -27.03 -5.98
N LEU C 52 -17.06 -25.95 -5.20
CA LEU C 52 -16.76 -24.62 -5.71
C LEU C 52 -15.34 -24.22 -5.35
N CYS C 53 -14.70 -23.44 -6.21
CA CYS C 53 -13.33 -22.98 -6.02
C CYS C 53 -13.25 -21.49 -6.27
N ALA C 54 -12.49 -20.79 -5.47
CA ALA C 54 -12.18 -19.38 -5.76
C ALA C 54 -10.74 -19.12 -5.30
N CYS C 55 -10.02 -18.30 -6.04
CA CYS C 55 -8.66 -18.00 -5.65
C CYS C 55 -8.27 -16.60 -6.11
N GLN C 56 -7.19 -16.11 -5.52
CA GLN C 56 -6.64 -14.80 -5.81
C GLN C 56 -5.17 -14.85 -5.51
N VAL C 57 -4.38 -14.30 -6.42
CA VAL C 57 -2.93 -14.24 -6.30
C VAL C 57 -2.52 -12.88 -5.80
N ALA C 58 -1.56 -12.87 -4.87
N ALA C 58 -1.59 -12.86 -4.87
CA ALA C 58 -1.08 -11.64 -4.26
CA ALA C 58 -1.19 -11.59 -4.26
C ALA C 58 -0.52 -10.68 -5.32
C ALA C 58 -0.53 -10.68 -5.29
N GLN C 59 -0.70 -9.36 -5.13
N GLN C 59 -0.81 -9.38 -5.23
CA GLN C 59 -0.18 -8.39 -6.09
CA GLN C 59 0.00 -8.45 -6.00
C GLN C 59 1.32 -8.52 -6.33
C GLN C 59 1.45 -8.59 -5.57
N GLY C 60 2.08 -8.98 -5.35
N GLY C 60 2.35 -8.42 -6.54
CA GLY C 60 3.52 -9.04 -5.53
CA GLY C 60 3.75 -8.66 -6.30
C GLY C 60 4.07 -10.37 -6.01
C GLY C 60 4.23 -10.10 -6.43
N ALA C 61 3.22 -11.30 -6.42
N ALA C 61 3.34 -11.08 -6.55
CA ALA C 61 3.70 -12.63 -6.75
CA ALA C 61 3.80 -12.46 -6.74
C ALA C 61 4.48 -12.64 -8.07
C ALA C 61 4.52 -12.58 -8.09
N MET C 62 5.21 -13.70 -8.27
CA MET C 62 5.90 -13.87 -9.53
C MET C 62 4.86 -13.76 -10.64
N PRO C 63 5.31 -13.08 -11.75
CA PRO C 63 4.33 -12.86 -12.83
C PRO C 63 3.78 -14.12 -13.46
N THR C 64 4.56 -15.17 -13.39
CA THR C 64 4.22 -16.47 -13.91
C THR C 64 3.14 -17.23 -13.10
N PHE C 65 2.82 -16.76 -11.89
CA PHE C 65 1.79 -17.37 -11.05
C PHE C 65 0.49 -16.60 -11.32
N THR C 66 -0.47 -17.25 -11.98
CA THR C 66 -1.71 -16.57 -12.32
C THR C 66 -2.89 -17.32 -11.74
N ALA C 67 -3.89 -16.56 -11.36
CA ALA C 67 -5.05 -17.13 -10.69
C ALA C 67 -5.82 -18.10 -11.58
N GLU C 68 -6.04 -17.72 -12.85
CA GLU C 68 -6.79 -18.61 -13.70
C GLU C 68 -6.06 -19.93 -13.87
N ALA C 69 -4.74 -19.90 -14.02
CA ALA C 69 -4.01 -21.17 -14.16
C ALA C 69 -4.08 -22.00 -12.89
N TRP C 70 -4.06 -21.35 -11.73
CA TRP C 70 -4.16 -22.05 -10.46
C TRP C 70 -5.53 -22.73 -10.35
N ALA C 71 -6.60 -21.97 -10.58
CA ALA C 71 -7.93 -22.54 -10.53
C ALA C 71 -8.11 -23.64 -11.56
N LEU C 72 -7.57 -23.46 -12.75
CA LEU C 72 -7.69 -24.49 -13.76
C LEU C 72 -7.00 -25.78 -13.36
N ALA C 73 -5.79 -25.69 -12.77
CA ALA C 73 -5.12 -26.89 -12.33
C ALA C 73 -5.99 -27.65 -11.33
N VAL C 74 -6.56 -26.94 -10.36
CA VAL C 74 -7.33 -27.59 -9.30
C VAL C 74 -8.66 -28.12 -9.83
N CYS C 75 -9.37 -27.27 -10.58
CA CYS C 75 -10.67 -27.67 -11.09
C CYS C 75 -10.58 -28.73 -12.16
N SER C 76 -9.57 -28.67 -13.03
N SER C 76 -9.57 -28.70 -13.04
CA SER C 76 -9.35 -29.74 -14.00
CA SER C 76 -9.49 -29.79 -14.00
C SER C 76 -9.14 -31.08 -13.30
C SER C 76 -9.12 -31.11 -13.32
N HIS C 77 -8.34 -31.08 -12.24
CA HIS C 77 -8.17 -32.28 -11.43
C HIS C 77 -9.50 -32.84 -10.95
N MET C 78 -10.46 -31.95 -10.64
CA MET C 78 -11.80 -32.30 -10.21
C MET C 78 -12.77 -32.48 -11.39
N GLY C 79 -12.24 -32.67 -12.61
CA GLY C 79 -13.12 -32.92 -13.75
C GLY C 79 -14.01 -31.74 -14.08
N GLY C 80 -13.58 -30.53 -13.71
CA GLY C 80 -14.46 -29.37 -13.83
C GLY C 80 -13.91 -28.32 -14.76
N LYS C 81 -14.15 -27.06 -14.40
N LYS C 81 -14.17 -27.06 -14.41
CA LYS C 81 -13.90 -25.94 -15.32
CA LYS C 81 -13.86 -25.94 -15.28
C LYS C 81 -13.62 -24.69 -14.48
C LYS C 81 -13.45 -24.74 -14.43
N ALA C 82 -12.87 -23.76 -15.10
CA ALA C 82 -12.42 -22.56 -14.42
C ALA C 82 -12.43 -21.37 -15.36
N TRP C 83 -12.45 -20.19 -14.76
CA TRP C 83 -12.44 -18.95 -15.54
C TRP C 83 -11.94 -17.82 -14.64
N GLY C 84 -11.40 -16.78 -15.25
CA GLY C 84 -10.86 -15.64 -14.52
C GLY C 84 -9.73 -14.92 -15.21
N SER C 85 -8.99 -14.18 -14.39
CA SER C 85 -7.86 -13.38 -14.83
C SER C 85 -6.60 -13.86 -14.17
N ARG C 86 -5.51 -13.12 -14.35
CA ARG C 86 -4.27 -13.47 -13.70
C ARG C 86 -4.33 -13.21 -12.19
N VAL C 87 -5.28 -12.37 -11.77
CA VAL C 87 -5.42 -11.98 -10.36
C VAL C 87 -6.48 -12.72 -9.54
N VAL C 88 -7.64 -12.93 -10.14
CA VAL C 88 -8.77 -13.56 -9.47
C VAL C 88 -9.41 -14.60 -10.37
N ALA C 89 -9.70 -15.80 -9.86
CA ALA C 89 -10.36 -16.79 -10.69
C ALA C 89 -11.28 -17.65 -9.83
N GLN C 90 -12.12 -18.42 -10.50
N GLN C 90 -12.16 -18.39 -10.51
CA GLN C 90 -13.00 -19.35 -9.80
CA GLN C 90 -13.14 -19.27 -9.88
C GLN C 90 -13.29 -20.52 -10.71
C GLN C 90 -13.28 -20.51 -10.72
N GLY C 91 -13.92 -21.53 -10.13
CA GLY C 91 -14.22 -22.71 -10.92
C GLY C 91 -15.09 -23.65 -10.14
N THR C 92 -15.39 -24.78 -10.81
CA THR C 92 -16.22 -25.82 -10.22
C THR C 92 -15.63 -27.17 -10.56
N GLY C 93 -16.04 -28.18 -9.80
CA GLY C 93 -15.70 -29.54 -10.18
C GLY C 93 -16.48 -30.49 -9.32
N SER C 94 -16.06 -31.74 -9.37
CA SER C 94 -16.71 -32.78 -8.60
C SER C 94 -15.63 -33.70 -8.06
N THR C 95 -15.71 -34.01 -6.78
CA THR C 95 -14.81 -34.99 -6.22
C THR C 95 -15.26 -35.27 -4.81
N THR C 96 -14.96 -36.48 -4.38
CA THR C 96 -15.11 -36.93 -3.02
C THR C 96 -13.80 -36.92 -2.24
N ASP C 97 -12.71 -36.46 -2.86
CA ASP C 97 -11.40 -36.47 -2.23
C ASP C 97 -10.92 -35.03 -2.20
N LEU C 98 -11.44 -34.26 -1.25
CA LEU C 98 -11.03 -32.86 -1.17
C LEU C 98 -9.56 -32.72 -0.86
N GLU C 99 -9.02 -33.66 -0.10
N GLU C 99 -9.01 -33.65 -0.11
CA GLU C 99 -7.61 -33.58 0.29
CA GLU C 99 -7.61 -33.56 0.26
C GLU C 99 -6.70 -33.59 -0.94
C GLU C 99 -6.68 -33.59 -0.95
N ALA C 100 -7.00 -34.42 -1.94
CA ALA C 100 -6.18 -34.48 -3.13
C ALA C 100 -6.25 -33.17 -3.90
N ALA C 101 -7.45 -32.56 -3.96
CA ALA C 101 -7.58 -31.27 -4.64
C ALA C 101 -6.83 -30.17 -3.91
N LEU C 102 -6.91 -30.15 -2.59
CA LEU C 102 -6.15 -29.17 -1.82
C LEU C 102 -4.67 -29.36 -2.03
N SER C 103 -4.23 -30.61 -2.14
CA SER C 103 -2.82 -30.87 -2.38
C SER C 103 -2.37 -30.31 -3.72
N ILE C 104 -3.18 -30.47 -4.77
CA ILE C 104 -2.83 -29.83 -6.03
C ILE C 104 -2.76 -28.34 -5.87
N ALA C 105 -3.73 -27.75 -5.15
CA ALA C 105 -3.72 -26.30 -5.00
C ALA C 105 -2.45 -25.83 -4.31
N GLN C 106 -2.05 -26.52 -3.22
CA GLN C 106 -0.88 -26.07 -2.48
C GLN C 106 0.41 -26.29 -3.28
N THR C 107 0.53 -27.45 -3.88
N THR C 107 0.57 -27.47 -3.88
CA THR C 107 1.73 -27.78 -4.61
CA THR C 107 1.79 -27.74 -4.64
C THR C 107 1.89 -26.89 -5.84
C THR C 107 1.91 -26.84 -5.85
N TYR C 108 0.79 -26.58 -6.52
CA TYR C 108 0.85 -25.71 -7.68
C TYR C 108 1.37 -24.35 -7.26
N ALA C 109 0.75 -23.77 -6.23
CA ALA C 109 1.17 -22.46 -5.79
C ALA C 109 2.64 -22.47 -5.38
N LEU C 110 3.05 -23.44 -4.56
CA LEU C 110 4.43 -23.45 -4.11
C LEU C 110 5.37 -23.58 -5.29
N SER C 111 4.95 -24.28 -6.34
CA SER C 111 5.82 -24.44 -7.51
C SER C 111 5.98 -23.16 -8.30
N GLN C 112 5.03 -22.23 -8.19
CA GLN C 112 5.07 -21.01 -8.98
C GLN C 112 5.50 -19.79 -8.19
N LEU C 113 5.51 -19.85 -6.87
CA LEU C 113 5.86 -18.71 -6.02
C LEU C 113 7.35 -18.50 -5.88
N GLY D 9 24.21 -5.03 -11.38
CA GLY D 9 24.68 -4.40 -10.16
C GLY D 9 24.51 -5.31 -8.96
N PRO D 10 25.46 -5.27 -8.02
CA PRO D 10 25.37 -6.15 -6.87
C PRO D 10 24.16 -5.82 -6.01
N LEU D 11 23.77 -6.80 -5.24
CA LEU D 11 22.62 -6.68 -4.36
C LEU D 11 23.02 -7.23 -3.01
N ILE D 12 22.77 -6.49 -1.95
CA ILE D 12 22.94 -6.99 -0.60
C ILE D 12 21.57 -7.04 0.07
N VAL D 13 21.13 -8.21 0.51
CA VAL D 13 19.85 -8.38 1.20
C VAL D 13 20.16 -9.30 2.38
N ASP D 14 20.04 -8.80 3.61
CA ASP D 14 20.48 -9.59 4.76
C ASP D 14 19.77 -9.17 6.04
N THR D 15 19.81 -10.09 7.02
CA THR D 15 19.36 -9.84 8.39
C THR D 15 20.56 -9.60 9.28
N VAL D 16 20.56 -8.50 10.04
CA VAL D 16 21.72 -8.09 10.81
C VAL D 16 21.28 -7.56 12.16
N SER D 17 22.21 -7.54 13.09
CA SER D 17 21.99 -6.87 14.36
C SER D 17 22.22 -5.38 14.24
N ALA D 18 21.32 -4.61 14.84
CA ALA D 18 21.49 -3.13 14.88
C ALA D 18 20.64 -2.59 16.00
N GLU D 19 21.12 -1.52 16.60
CA GLU D 19 20.49 -1.01 17.81
C GLU D 19 19.33 -0.05 17.55
N SER D 20 19.15 0.43 16.31
CA SER D 20 18.14 1.45 16.03
C SER D 20 17.96 1.56 14.53
N LEU D 21 16.84 2.17 14.15
CA LEU D 21 16.59 2.45 12.75
C LEU D 21 17.63 3.40 12.19
N SER D 22 18.01 4.42 12.97
CA SER D 22 18.99 5.40 12.51
C SER D 22 20.31 4.74 12.16
N VAL D 23 20.80 3.84 13.02
CA VAL D 23 22.04 3.13 12.72
C VAL D 23 21.88 2.29 11.46
N LEU D 24 20.76 1.61 11.34
CA LEU D 24 20.56 0.74 10.19
C LEU D 24 20.58 1.54 8.89
N VAL D 25 19.87 2.67 8.86
CA VAL D 25 19.86 3.52 7.67
C VAL D 25 21.27 3.99 7.33
N LYS D 26 22.04 4.36 8.37
CA LYS D 26 23.40 4.84 8.14
C LYS D 26 24.32 3.77 7.56
N VAL D 27 24.18 2.55 8.05
CA VAL D 27 24.96 1.44 7.50
C VAL D 27 24.63 1.21 6.05
N VAL D 28 23.34 1.19 5.73
CA VAL D 28 22.91 1.03 4.35
C VAL D 28 23.50 2.11 3.46
N ARG D 29 23.44 3.37 3.90
N ARG D 29 23.44 3.37 3.90
CA ARG D 29 23.99 4.47 3.11
CA ARG D 29 23.98 4.46 3.07
C ARG D 29 25.46 4.25 2.82
C ARG D 29 25.47 4.26 2.81
N GLN D 30 26.23 3.89 3.84
CA GLN D 30 27.65 3.73 3.65
C GLN D 30 27.98 2.59 2.68
N LEU D 31 27.22 1.50 2.76
CA LEU D 31 27.44 0.42 1.81
C LEU D 31 27.16 0.86 0.38
N CYS D 32 26.06 1.58 0.17
CA CYS D 32 25.73 2.00 -1.19
C CYS D 32 26.78 2.95 -1.73
N GLU D 33 27.24 3.89 -0.92
CA GLU D 33 28.16 4.89 -1.46
C GLU D 33 29.54 4.31 -1.70
N GLN D 34 29.94 3.32 -0.90
CA GLN D 34 31.28 2.75 -1.09
C GLN D 34 31.35 1.86 -2.32
N ALA D 35 30.21 1.31 -2.74
N ALA D 35 30.24 1.31 -2.76
CA ALA D 35 30.08 0.47 -3.93
CA ALA D 35 30.22 0.40 -3.90
C ALA D 35 28.86 1.01 -4.68
C ALA D 35 29.13 0.84 -4.88
N PRO D 36 29.02 2.08 -5.46
N PRO D 36 29.25 2.02 -5.49
CA PRO D 36 27.86 2.89 -5.90
CA PRO D 36 28.22 2.45 -6.46
C PRO D 36 26.98 2.29 -7.01
C PRO D 36 27.89 1.33 -7.44
N SER D 37 27.20 1.04 -7.43
N SER D 37 26.60 1.23 -7.81
CA SER D 37 26.25 0.32 -8.27
CA SER D 37 25.88 0.14 -8.49
C SER D 37 25.40 -0.66 -7.46
C SER D 37 25.27 -0.88 -7.52
N THR D 38 25.60 -0.71 -6.15
N THR D 38 25.54 -0.77 -6.23
CA THR D 38 24.99 -1.71 -5.29
CA THR D 38 25.02 -1.73 -5.27
C THR D 38 23.70 -1.20 -4.68
C THR D 38 23.72 -1.21 -4.65
N SER D 39 22.69 -2.06 -4.64
CA SER D 39 21.46 -1.78 -3.90
C SER D 39 21.42 -2.66 -2.67
N VAL D 40 20.91 -2.12 -1.58
CA VAL D 40 21.03 -2.78 -0.29
C VAL D 40 19.70 -2.71 0.46
N LEU D 41 19.26 -3.84 1.03
CA LEU D 41 18.17 -3.85 1.99
C LEU D 41 18.60 -4.69 3.18
N LEU D 42 18.51 -4.10 4.36
CA LEU D 42 18.85 -4.80 5.59
C LEU D 42 17.60 -4.88 6.47
N LEU D 43 17.39 -6.05 7.06
CA LEU D 43 16.37 -6.26 8.08
C LEU D 43 17.07 -6.49 9.39
N SER D 44 16.54 -5.98 10.49
CA SER D 44 17.20 -6.16 11.77
C SER D 44 16.20 -6.62 12.80
N PRO D 45 16.31 -7.86 13.27
CA PRO D 45 15.40 -8.36 14.29
C PRO D 45 15.66 -7.66 15.60
N GLN D 46 14.58 -7.37 16.28
CA GLN D 46 14.57 -6.71 17.56
C GLN D 46 13.78 -7.60 18.52
N PRO D 47 13.86 -7.23 19.85
CA PRO D 47 13.10 -8.08 20.78
C PRO D 47 11.60 -8.02 20.49
N MET D 48 10.87 -9.04 20.93
CA MET D 48 9.42 -9.12 20.78
C MET D 48 8.92 -9.36 19.36
N GLY D 49 9.75 -9.92 18.51
CA GLY D 49 9.35 -10.22 17.16
C GLY D 49 9.36 -9.04 16.19
N LYS D 50 9.74 -7.89 16.67
CA LYS D 50 9.79 -6.69 15.82
C LYS D 50 10.97 -6.76 14.86
N VAL D 51 10.81 -6.22 13.66
CA VAL D 51 11.88 -6.18 12.68
C VAL D 51 11.97 -4.79 12.05
N LEU D 52 13.17 -4.22 12.02
CA LEU D 52 13.42 -2.95 11.36
C LEU D 52 13.86 -3.20 9.93
N CYS D 53 13.58 -2.26 9.02
CA CYS D 53 14.02 -2.38 7.63
C CYS D 53 14.58 -1.05 7.17
N ALA D 54 15.73 -1.09 6.48
CA ALA D 54 16.23 0.07 5.78
C ALA D 54 16.76 -0.38 4.43
N CYS D 55 16.55 0.44 3.41
CA CYS D 55 17.04 0.08 2.09
C CYS D 55 17.39 1.33 1.29
N GLN D 56 18.18 1.09 0.26
CA GLN D 56 18.62 2.14 -0.64
C GLN D 56 18.89 1.50 -2.00
N VAL D 57 18.44 2.20 -3.04
CA VAL D 57 18.62 1.75 -4.42
C VAL D 57 19.77 2.50 -5.04
N ALA D 58 20.60 1.77 -5.77
CA ALA D 58 21.78 2.35 -6.39
C ALA D 58 21.40 3.48 -7.31
N GLN D 59 22.23 4.52 -7.27
CA GLN D 59 22.22 5.51 -8.29
C GLN D 59 22.36 4.79 -9.62
N GLY D 60 21.48 5.10 -10.55
CA GLY D 60 21.62 4.51 -11.85
C GLY D 60 20.97 3.15 -12.03
N ALA D 61 20.28 2.66 -11.02
CA ALA D 61 19.62 1.40 -11.14
C ALA D 61 18.49 1.68 -12.09
N MET D 62 17.85 0.63 -12.57
CA MET D 62 16.73 0.74 -13.50
C MET D 62 15.78 1.75 -12.87
N PRO D 63 15.40 2.75 -13.74
CA PRO D 63 14.64 3.85 -13.13
C PRO D 63 13.36 3.53 -12.41
N THR D 64 12.78 2.39 -12.72
CA THR D 64 11.54 1.98 -12.08
C THR D 64 11.70 1.20 -10.74
N PHE D 65 12.93 0.99 -10.28
CA PHE D 65 13.20 0.29 -9.01
C PHE D 65 13.33 1.39 -7.99
N THR D 66 12.45 1.43 -6.99
CA THR D 66 12.50 2.49 -5.98
C THR D 66 12.57 1.95 -4.56
N ALA D 67 13.24 2.71 -3.70
CA ALA D 67 13.43 2.23 -2.36
C ALA D 67 12.10 2.17 -1.61
N GLU D 68 11.26 3.20 -1.73
CA GLU D 68 10.01 3.18 -0.98
C GLU D 68 9.21 1.95 -1.34
N ALA D 69 9.14 1.61 -2.63
CA ALA D 69 8.39 0.43 -3.06
C ALA D 69 9.02 -0.85 -2.54
N TRP D 70 10.34 -0.93 -2.55
CA TRP D 70 11.04 -2.11 -2.06
C TRP D 70 10.76 -2.33 -0.58
N ALA D 71 10.89 -1.27 0.21
CA ALA D 71 10.63 -1.36 1.64
C ALA D 71 9.18 -1.70 1.89
N LEU D 72 8.26 -1.11 1.14
CA LEU D 72 6.84 -1.41 1.35
C LEU D 72 6.55 -2.87 1.06
N ALA D 73 7.12 -3.42 0.00
CA ALA D 73 6.86 -4.83 -0.30
C ALA D 73 7.23 -5.71 0.88
N VAL D 74 8.41 -5.44 1.46
CA VAL D 74 8.86 -6.28 2.54
C VAL D 74 8.09 -6.00 3.86
N CYS D 75 7.91 -4.73 4.20
CA CYS D 75 7.26 -4.39 5.47
C CYS D 75 5.78 -4.74 5.49
N SER D 76 5.07 -4.51 4.37
CA SER D 76 3.67 -4.95 4.23
C SER D 76 3.55 -6.44 4.49
N HIS D 77 4.48 -7.22 3.91
CA HIS D 77 4.51 -8.64 4.17
C HIS D 77 4.63 -8.94 5.67
N MET D 78 5.39 -8.13 6.39
CA MET D 78 5.57 -8.23 7.83
C MET D 78 4.48 -7.52 8.62
N GLY D 79 3.34 -7.23 7.99
CA GLY D 79 2.25 -6.59 8.68
C GLY D 79 2.52 -5.17 9.12
N GLY D 80 3.49 -4.53 8.51
CA GLY D 80 3.91 -3.20 8.90
C GLY D 80 3.87 -2.21 7.75
N LYS D 81 4.62 -1.16 7.89
CA LYS D 81 4.52 -0.02 7.01
C LYS D 81 5.93 0.48 6.72
N ALA D 82 6.03 1.29 5.66
CA ALA D 82 7.31 1.81 5.21
C ALA D 82 7.11 3.22 4.69
N TRP D 83 8.19 3.98 4.65
CA TRP D 83 8.16 5.37 4.21
C TRP D 83 9.51 5.72 3.63
N GLY D 84 9.52 6.68 2.73
CA GLY D 84 10.77 7.13 2.15
C GLY D 84 10.57 7.66 0.75
N SER D 85 11.65 7.64 0.01
CA SER D 85 11.76 8.28 -1.30
C SER D 85 12.10 7.21 -2.32
N ARG D 86 12.40 7.66 -3.54
CA ARG D 86 12.83 6.74 -4.56
C ARG D 86 14.19 6.14 -4.26
N VAL D 87 15.02 6.87 -3.51
CA VAL D 87 16.40 6.48 -3.28
C VAL D 87 16.60 5.73 -1.97
N VAL D 88 15.94 6.17 -0.90
N VAL D 88 15.98 6.19 -0.90
CA VAL D 88 16.19 5.65 0.44
CA VAL D 88 16.18 5.64 0.43
C VAL D 88 14.88 5.53 1.23
C VAL D 88 14.81 5.43 1.04
N ALA D 89 14.67 4.38 1.85
CA ALA D 89 13.44 4.15 2.57
C ALA D 89 13.68 3.27 3.78
N GLN D 90 12.70 3.23 4.67
N GLN D 90 12.69 3.18 4.65
CA GLN D 90 12.79 2.36 5.83
CA GLN D 90 12.77 2.43 5.88
C GLN D 90 11.39 1.91 6.22
C GLN D 90 11.39 1.98 6.29
N GLY D 91 11.30 1.04 7.22
CA GLY D 91 10.01 0.61 7.70
C GLY D 91 10.17 -0.34 8.85
N THR D 92 9.03 -0.82 9.34
CA THR D 92 9.07 -1.79 10.42
C THR D 92 7.96 -2.81 10.20
N GLY D 93 8.07 -3.92 10.90
CA GLY D 93 7.01 -4.89 10.93
C GLY D 93 7.31 -5.88 12.01
N SER D 94 6.63 -7.02 11.95
N SER D 94 6.65 -7.02 11.94
CA SER D 94 6.86 -8.07 12.92
CA SER D 94 6.91 -8.06 12.92
C SER D 94 6.70 -9.39 12.19
C SER D 94 6.68 -9.40 12.24
N THR D 95 7.63 -10.31 12.41
CA THR D 95 7.51 -11.65 11.87
C THR D 95 8.46 -12.57 12.62
N THR D 96 8.12 -13.85 12.61
CA THR D 96 9.01 -14.87 13.12
C THR D 96 9.75 -15.60 12.00
N ASP D 97 9.50 -15.25 10.75
CA ASP D 97 10.03 -16.01 9.61
C ASP D 97 10.92 -15.05 8.84
N LEU D 98 12.18 -14.92 9.30
CA LEU D 98 13.12 -14.00 8.66
C LEU D 98 13.41 -14.42 7.24
N GLU D 99 13.49 -15.73 6.97
N GLU D 99 13.48 -15.73 6.99
CA GLU D 99 13.83 -16.18 5.63
CA GLU D 99 13.79 -16.25 5.66
C GLU D 99 12.76 -15.77 4.62
C GLU D 99 12.77 -15.76 4.63
N ALA D 100 11.48 -15.87 4.97
CA ALA D 100 10.42 -15.48 4.05
C ALA D 100 10.51 -13.99 3.74
N ALA D 101 10.81 -13.17 4.75
CA ALA D 101 10.91 -11.73 4.53
C ALA D 101 12.10 -11.38 3.64
N LEU D 102 13.25 -12.03 3.87
CA LEU D 102 14.38 -11.81 2.99
C LEU D 102 14.08 -12.24 1.56
N SER D 103 13.32 -13.32 1.40
CA SER D 103 13.00 -13.78 0.07
C SER D 103 12.11 -12.79 -0.66
N ILE D 104 11.12 -12.21 0.05
CA ILE D 104 10.30 -11.16 -0.56
C ILE D 104 11.19 -10.02 -1.04
N ALA D 105 12.16 -9.63 -0.20
CA ALA D 105 13.06 -8.53 -0.56
C ALA D 105 13.93 -8.84 -1.78
N GLN D 106 14.54 -10.03 -1.80
N GLN D 106 14.55 -10.02 -1.80
CA GLN D 106 15.41 -10.42 -2.90
CA GLN D 106 15.42 -10.36 -2.93
C GLN D 106 14.63 -10.52 -4.21
C GLN D 106 14.63 -10.52 -4.23
N THR D 107 13.47 -11.18 -4.16
CA THR D 107 12.66 -11.35 -5.37
C THR D 107 12.18 -10.02 -5.92
N TYR D 108 11.80 -9.09 -5.01
CA TYR D 108 11.34 -7.80 -5.51
C TYR D 108 12.48 -7.09 -6.28
N ALA D 109 13.66 -7.03 -5.66
CA ALA D 109 14.78 -6.36 -6.31
C ALA D 109 15.11 -7.00 -7.65
N LEU D 110 15.20 -8.33 -7.68
CA LEU D 110 15.53 -8.99 -8.95
C LEU D 110 14.47 -8.73 -10.02
N SER D 111 13.19 -8.62 -9.62
N SER D 111 13.20 -8.60 -9.63
CA SER D 111 12.13 -8.34 -10.59
CA SER D 111 12.13 -8.34 -10.60
C SER D 111 12.24 -6.93 -11.18
C SER D 111 12.22 -6.92 -11.17
N GLN D 112 12.79 -5.98 -10.42
CA GLN D 112 12.84 -4.57 -10.82
C GLN D 112 14.19 -4.13 -11.38
N LEU D 113 15.24 -4.91 -11.22
CA LEU D 113 16.57 -4.50 -11.68
C LEU D 113 16.76 -4.73 -13.16
CA CA E . 9.08 30.08 -1.01
CA CA F . -10.62 -14.32 -18.42
CA CA G . -11.00 -2.64 2.51
#